data_3CSJ
#
_entry.id   3CSJ
#
_cell.length_a   77.84
_cell.length_b   89.93
_cell.length_c   69.07
_cell.angle_alpha   90.00
_cell.angle_beta   97.70
_cell.angle_gamma   90.00
#
_symmetry.space_group_name_H-M   'C 1 2 1'
#
loop_
_entity.id
_entity.type
_entity.pdbx_description
1 polymer 'Glutathione S-transferase P'
2 non-polymer 'CHLORIDE ION'
3 non-polymer '2-(N-MORPHOLINO)-ETHANESULFONIC ACID'
4 non-polymer CHLORAMBUCIL
5 water water
#
_entity_poly.entity_id   1
_entity_poly.type   'polypeptide(L)'
_entity_poly.pdbx_seq_one_letter_code
;PPYTVVYFPVRGRCAALRMLLADQGQSWKEEVVTVETWQEGSLKASCLYGQLPKFQDGDLTLYQSNTILRHLGRTLGLYG
KDQQEAALVDMVNDGVEDLRCKYISLIYTNYEAGKDDYVKALPGQLKPFETLLSQNQGGKTFIVGDQISFADYNLLDLLL
IHEVLAPGCLDAFPLLSAYVGRLSARPKLKAFLASPEYVNLPINGNGKQ
;
_entity_poly.pdbx_strand_id   A,B
#
loop_
_chem_comp.id
_chem_comp.type
_chem_comp.name
_chem_comp.formula
CBL non-polymer CHLORAMBUCIL 'C14 H19 Cl2 N O2'
CL non-polymer 'CHLORIDE ION' 'Cl -1'
MES non-polymer '2-(N-MORPHOLINO)-ETHANESULFONIC ACID' 'C6 H13 N O4 S'
#
# COMPACT_ATOMS: atom_id res chain seq x y z
N PRO A 1 7.71 -26.96 -6.11
CA PRO A 1 7.42 -25.73 -6.85
C PRO A 1 8.39 -24.59 -6.43
N PRO A 2 8.59 -23.56 -7.28
CA PRO A 2 9.47 -22.47 -6.83
C PRO A 2 8.81 -21.52 -5.84
N TYR A 3 7.49 -21.55 -5.77
CA TYR A 3 6.74 -20.61 -4.92
C TYR A 3 6.15 -21.32 -3.72
N THR A 4 6.21 -20.66 -2.55
CA THR A 4 5.57 -21.18 -1.35
C THR A 4 4.78 -20.07 -0.65
N VAL A 5 3.54 -20.38 -0.26
CA VAL A 5 2.68 -19.46 0.47
C VAL A 5 2.58 -20.01 1.89
N VAL A 6 3.00 -19.20 2.86
CA VAL A 6 2.92 -19.51 4.29
C VAL A 6 1.82 -18.67 4.92
N TYR A 7 0.73 -19.30 5.33
CA TYR A 7 -0.43 -18.53 5.79
C TYR A 7 -1.28 -19.36 6.72
N PHE A 8 -2.20 -18.67 7.41
CA PHE A 8 -3.27 -19.30 8.19
C PHE A 8 -4.25 -20.01 7.24
N PRO A 9 -5.04 -20.96 7.76
CA PRO A 9 -6.01 -21.66 6.92
C PRO A 9 -7.23 -20.76 6.66
N VAL A 10 -6.98 -19.66 5.95
CA VAL A 10 -8.04 -18.72 5.58
C VAL A 10 -7.74 -18.14 4.18
N ARG A 11 -8.76 -17.59 3.54
CA ARG A 11 -8.62 -16.91 2.25
C ARG A 11 -7.91 -15.57 2.50
N GLY A 12 -8.58 -14.63 3.17
CA GLY A 12 -7.93 -13.43 3.66
C GLY A 12 -7.07 -12.72 2.62
N ARG A 13 -5.89 -12.30 3.05
CA ARG A 13 -4.98 -11.51 2.20
C ARG A 13 -4.18 -12.34 1.19
N CYS A 14 -4.39 -13.65 1.19
CA CYS A 14 -3.78 -14.54 0.18
C CYS A 14 -4.73 -14.94 -0.96
N ALA A 15 -6.01 -14.68 -0.80
CA ALA A 15 -6.99 -15.02 -1.83
C ALA A 15 -6.59 -14.49 -3.25
N ALA A 16 -6.26 -13.19 -3.35
CA ALA A 16 -5.98 -12.57 -4.65
C ALA A 16 -4.71 -13.12 -5.29
N LEU A 17 -3.63 -13.27 -4.52
CA LEU A 17 -2.37 -13.84 -5.10
C LEU A 17 -2.55 -15.31 -5.51
N ARG A 18 -3.38 -16.05 -4.78
CA ARG A 18 -3.67 -17.46 -5.18
C ARG A 18 -4.47 -17.54 -6.50
N MET A 19 -5.51 -16.70 -6.63
CA MET A 19 -6.24 -16.58 -7.91
C MET A 19 -5.28 -16.24 -9.03
N LEU A 20 -4.41 -15.26 -8.79
CA LEU A 20 -3.40 -14.89 -9.78
C LEU A 20 -2.56 -16.10 -10.20
N LEU A 21 -2.04 -16.82 -9.23
CA LEU A 21 -1.13 -17.93 -9.55
C LEU A 21 -1.88 -19.04 -10.29
N ALA A 22 -3.09 -19.33 -9.82
CA ALA A 22 -3.95 -20.33 -10.44
C ALA A 22 -4.32 -19.97 -11.88
N ASP A 23 -4.72 -18.72 -12.10
CA ASP A 23 -5.19 -18.27 -13.38
C ASP A 23 -4.03 -18.16 -14.38
N GLN A 24 -2.81 -17.97 -13.88
CA GLN A 24 -1.59 -17.91 -14.72
C GLN A 24 -0.92 -19.27 -14.94
N GLY A 25 -1.53 -20.31 -14.35
CA GLY A 25 -1.10 -21.69 -14.53
C GLY A 25 0.22 -21.98 -13.84
N GLN A 26 0.47 -21.26 -12.73
CA GLN A 26 1.72 -21.38 -12.01
C GLN A 26 1.63 -22.36 -10.85
N SER A 27 2.72 -23.08 -10.62
CA SER A 27 2.76 -24.07 -9.55
C SER A 27 3.19 -23.39 -8.25
N TRP A 28 2.49 -23.72 -7.16
CA TRP A 28 2.93 -23.32 -5.82
C TRP A 28 2.60 -24.34 -4.72
N LYS A 29 3.26 -24.15 -3.58
CA LYS A 29 3.04 -24.93 -2.38
C LYS A 29 2.37 -24.09 -1.27
N GLU A 30 1.43 -24.68 -0.55
CA GLU A 30 0.87 -24.07 0.65
C GLU A 30 1.49 -24.64 1.91
N GLU A 31 2.03 -23.76 2.75
CA GLU A 31 2.40 -24.16 4.11
C GLU A 31 1.42 -23.53 5.08
N VAL A 32 0.66 -24.39 5.77
CA VAL A 32 -0.45 -23.94 6.60
C VAL A 32 0.06 -23.77 8.05
N VAL A 33 -0.31 -22.64 8.65
CA VAL A 33 0.01 -22.28 10.04
C VAL A 33 -1.26 -22.28 10.92
N THR A 34 -1.30 -23.17 11.91
CA THR A 34 -2.42 -23.29 12.85
C THR A 34 -2.34 -22.25 13.96
N VAL A 35 -3.47 -21.96 14.60
CA VAL A 35 -3.49 -21.05 15.76
C VAL A 35 -2.42 -21.44 16.80
N GLU A 36 -2.25 -22.75 17.00
CA GLU A 36 -1.30 -23.31 17.95
C GLU A 36 0.15 -22.96 17.60
N THR A 37 0.53 -23.17 16.34
CA THR A 37 1.86 -22.77 15.88
C THR A 37 2.10 -21.25 16.02
N TRP A 38 1.09 -20.46 15.70
CA TRP A 38 1.20 -18.99 15.77
C TRP A 38 1.36 -18.50 17.23
N GLN A 39 0.52 -19.05 18.11
CA GLN A 39 0.61 -18.73 19.54
C GLN A 39 1.93 -19.19 20.18
N GLU A 40 2.56 -20.23 19.65
CA GLU A 40 3.89 -20.62 20.16
C GLU A 40 4.91 -19.45 20.12
N GLY A 41 4.83 -18.60 19.09
CA GLY A 41 5.61 -17.36 19.04
C GLY A 41 6.86 -17.29 18.17
N SER A 42 7.52 -18.42 17.94
CA SER A 42 8.81 -18.39 17.21
C SER A 42 8.71 -18.01 15.72
N LEU A 43 7.75 -18.57 15.00
CA LEU A 43 7.48 -18.16 13.62
C LEU A 43 7.22 -16.66 13.54
N LYS A 44 6.31 -16.16 14.38
CA LYS A 44 5.88 -14.76 14.36
C LYS A 44 7.10 -13.85 14.57
N ALA A 45 7.91 -14.19 15.58
CA ALA A 45 9.13 -13.46 15.84
C ALA A 45 10.09 -13.47 14.66
N SER A 46 10.07 -14.52 13.83
CA SER A 46 10.95 -14.60 12.63
C SER A 46 10.43 -13.78 11.43
N CYS A 47 9.17 -13.37 11.48
CA CYS A 47 8.56 -12.65 10.35
C CYS A 47 8.93 -11.18 10.44
N LEU A 48 9.24 -10.58 9.28
CA LEU A 48 9.76 -9.19 9.28
C LEU A 48 8.93 -8.20 10.11
N TYR A 49 7.62 -8.22 9.87
CA TYR A 49 6.70 -7.34 10.59
C TYR A 49 5.75 -8.12 11.51
N GLY A 50 6.16 -9.31 11.93
CA GLY A 50 5.38 -10.11 12.88
C GLY A 50 4.07 -10.63 12.32
N GLN A 51 3.97 -10.68 10.99
CA GLN A 51 2.72 -11.05 10.35
C GLN A 51 2.91 -12.02 9.18
N LEU A 52 1.83 -12.73 8.85
CA LEU A 52 1.69 -13.51 7.62
C LEU A 52 0.72 -12.77 6.69
N PRO A 53 0.77 -13.04 5.36
CA PRO A 53 1.57 -14.07 4.68
C PRO A 53 3.09 -13.86 4.63
N LYS A 54 3.78 -14.98 4.65
CA LYS A 54 5.17 -15.05 4.21
C LYS A 54 5.16 -15.76 2.84
N PHE A 55 6.08 -15.35 1.94
CA PHE A 55 6.08 -15.89 0.58
C PHE A 55 7.52 -16.16 0.19
N GLN A 56 7.75 -17.31 -0.46
CA GLN A 56 9.09 -17.66 -0.94
C GLN A 56 9.06 -17.87 -2.45
N ASP A 57 10.04 -17.30 -3.16
CA ASP A 57 10.22 -17.51 -4.60
C ASP A 57 11.69 -17.86 -4.71
N GLY A 58 12.00 -19.17 -4.80
CA GLY A 58 13.31 -19.69 -4.45
C GLY A 58 13.80 -19.12 -3.14
N ASP A 59 15.00 -18.54 -3.13
CA ASP A 59 15.58 -18.05 -1.88
C ASP A 59 15.20 -16.59 -1.55
N LEU A 60 14.28 -16.00 -2.32
CA LEU A 60 13.74 -14.66 -2.03
C LEU A 60 12.55 -14.83 -1.07
N THR A 61 12.65 -14.23 0.12
CA THR A 61 11.55 -14.35 1.13
C THR A 61 10.88 -12.99 1.24
N LEU A 62 9.56 -12.95 1.06
CA LEU A 62 8.78 -11.71 1.05
C LEU A 62 7.70 -11.76 2.13
N TYR A 63 7.35 -10.56 2.62
CA TYR A 63 6.21 -10.34 3.55
C TYR A 63 5.38 -9.22 2.92
N GLN A 64 4.11 -9.11 3.33
CA GLN A 64 3.15 -8.06 2.87
C GLN A 64 2.43 -8.51 1.60
N SER A 65 1.11 -8.69 1.68
CA SER A 65 0.33 -9.18 0.54
C SER A 65 0.51 -8.38 -0.74
N ASN A 66 0.60 -7.03 -0.66
CA ASN A 66 0.75 -6.24 -1.89
C ASN A 66 2.15 -6.34 -2.49
N THR A 67 3.13 -6.58 -1.63
CA THR A 67 4.49 -6.86 -2.09
C THR A 67 4.49 -8.13 -2.95
N ILE A 68 3.82 -9.18 -2.48
CA ILE A 68 3.71 -10.43 -3.20
C ILE A 68 2.97 -10.23 -4.55
N LEU A 69 1.86 -9.51 -4.50
CA LEU A 69 1.12 -9.20 -5.74
C LEU A 69 2.00 -8.45 -6.74
N ARG A 70 2.68 -7.38 -6.28
CA ARG A 70 3.55 -6.62 -7.19
C ARG A 70 4.68 -7.49 -7.77
N HIS A 71 5.23 -8.39 -6.94
CA HIS A 71 6.37 -9.19 -7.35
C HIS A 71 5.91 -10.15 -8.44
N LEU A 72 4.79 -10.83 -8.22
CA LEU A 72 4.20 -11.70 -9.26
C LEU A 72 3.75 -10.92 -10.51
N GLY A 73 3.22 -9.71 -10.31
CA GLY A 73 2.82 -8.86 -11.44
C GLY A 73 4.02 -8.50 -12.32
N ARG A 74 5.12 -8.12 -11.68
CA ARG A 74 6.37 -7.77 -12.33
C ARG A 74 6.94 -8.96 -13.10
N THR A 75 7.07 -10.10 -12.41
CA THR A 75 7.75 -11.23 -12.99
C THR A 75 6.92 -11.96 -14.04
N LEU A 76 5.59 -11.95 -13.88
CA LEU A 76 4.67 -12.67 -14.78
C LEU A 76 4.04 -11.79 -15.89
N GLY A 77 4.46 -10.52 -15.96
CA GLY A 77 3.99 -9.58 -16.98
C GLY A 77 2.54 -9.16 -16.80
N LEU A 78 2.19 -8.82 -15.56
CA LEU A 78 0.80 -8.45 -15.21
C LEU A 78 0.84 -7.07 -14.51
N TYR A 79 1.56 -6.13 -15.13
CA TYR A 79 1.79 -4.83 -14.48
C TYR A 79 1.77 -3.68 -15.49
N GLY A 80 0.83 -3.74 -16.44
CA GLY A 80 0.76 -2.75 -17.52
C GLY A 80 1.68 -3.04 -18.71
N LYS A 81 1.36 -2.42 -19.86
CA LYS A 81 2.19 -2.55 -21.07
C LYS A 81 3.34 -1.52 -21.12
N ASP A 82 3.21 -0.46 -20.32
CA ASP A 82 4.22 0.61 -20.24
C ASP A 82 4.19 1.29 -18.86
N GLN A 83 4.98 2.35 -18.71
CA GLN A 83 5.18 2.96 -17.40
C GLN A 83 3.94 3.68 -16.95
N GLN A 84 3.22 4.29 -17.90
CA GLN A 84 1.94 4.90 -17.58
C GLN A 84 0.88 3.89 -17.06
N GLU A 85 0.73 2.74 -17.71
CA GLU A 85 -0.24 1.75 -17.27
C GLU A 85 0.17 1.19 -15.89
N ALA A 86 1.48 0.99 -15.71
CA ALA A 86 1.97 0.54 -14.41
C ALA A 86 1.54 1.48 -13.28
N ALA A 87 1.63 2.79 -13.50
CA ALA A 87 1.16 3.77 -12.51
C ALA A 87 -0.36 3.67 -12.21
N LEU A 88 -1.15 3.55 -13.26
CA LEU A 88 -2.60 3.36 -13.16
C LEU A 88 -2.96 2.07 -12.42
N VAL A 89 -2.18 1.02 -12.67
CA VAL A 89 -2.36 -0.28 -11.96
C VAL A 89 -2.12 -0.08 -10.45
N ASP A 90 -1.04 0.63 -10.12
CA ASP A 90 -0.80 1.03 -8.71
C ASP A 90 -1.93 1.83 -8.10
N MET A 91 -2.42 2.83 -8.83
CA MET A 91 -3.52 3.64 -8.32
C MET A 91 -4.78 2.81 -7.98
N VAL A 92 -5.08 1.83 -8.82
CA VAL A 92 -6.18 0.89 -8.55
C VAL A 92 -5.88 0.05 -7.31
N ASN A 93 -4.71 -0.57 -7.28
CA ASN A 93 -4.35 -1.41 -6.14
C ASN A 93 -4.36 -0.68 -4.81
N ASP A 94 -3.83 0.55 -4.80
CA ASP A 94 -3.93 1.38 -3.56
C ASP A 94 -5.38 1.60 -3.13
N GLY A 95 -6.27 1.89 -4.05
CA GLY A 95 -7.66 2.07 -3.66
C GLY A 95 -8.25 0.77 -3.12
N VAL A 96 -7.89 -0.35 -3.76
CA VAL A 96 -8.33 -1.69 -3.32
C VAL A 96 -7.85 -1.95 -1.88
N GLU A 97 -6.55 -1.72 -1.63
CA GLU A 97 -5.95 -1.87 -0.29
C GLU A 97 -6.68 -1.01 0.77
N ASP A 98 -6.97 0.27 0.42
CA ASP A 98 -7.70 1.18 1.30
C ASP A 98 -9.06 0.64 1.75
N LEU A 99 -9.88 0.16 0.81
CA LEU A 99 -11.18 -0.45 1.19
C LEU A 99 -10.98 -1.77 1.97
N ARG A 100 -9.98 -2.55 1.57
CA ARG A 100 -9.72 -3.82 2.27
C ARG A 100 -9.42 -3.56 3.77
N CYS A 101 -8.65 -2.52 4.06
CA CYS A 101 -8.31 -2.18 5.44
C CYS A 101 -9.59 -1.83 6.22
N LYS A 102 -10.48 -1.06 5.63
CA LYS A 102 -11.78 -0.77 6.24
C LYS A 102 -12.62 -2.06 6.42
N TYR A 103 -12.57 -2.96 5.43
CA TYR A 103 -13.27 -4.25 5.54
C TYR A 103 -12.72 -5.05 6.72
N ILE A 104 -11.39 -5.16 6.78
CA ILE A 104 -10.73 -5.92 7.82
C ILE A 104 -11.06 -5.36 9.20
N SER A 105 -11.03 -4.02 9.32
CA SER A 105 -11.37 -3.34 10.59
C SER A 105 -12.79 -3.73 11.05
N LEU A 106 -13.76 -3.63 10.13
CA LEU A 106 -15.13 -4.07 10.41
C LEU A 106 -15.22 -5.52 10.90
N ILE A 107 -14.71 -6.45 10.08
CA ILE A 107 -14.73 -7.89 10.39
C ILE A 107 -14.16 -8.23 11.76
N TYR A 108 -13.00 -7.69 12.09
CA TYR A 108 -12.27 -8.14 13.29
C TYR A 108 -12.50 -7.27 14.50
N THR A 109 -13.09 -6.10 14.29
CA THR A 109 -13.02 -5.04 15.28
C THR A 109 -14.38 -4.45 15.73
N ASN A 110 -15.37 -4.46 14.84
CA ASN A 110 -16.74 -4.16 15.27
C ASN A 110 -17.78 -4.50 14.23
N TYR A 111 -17.91 -5.81 14.01
CA TYR A 111 -18.88 -6.34 13.06
C TYR A 111 -20.32 -5.99 13.42
N GLU A 112 -20.76 -6.28 14.66
CA GLU A 112 -22.17 -6.07 15.03
C GLU A 112 -22.62 -4.60 15.00
N ALA A 113 -21.85 -3.74 15.68
CA ALA A 113 -22.20 -2.32 15.78
C ALA A 113 -21.94 -1.54 14.48
N GLY A 114 -20.95 -2.01 13.71
CA GLY A 114 -20.49 -1.25 12.54
C GLY A 114 -21.06 -1.63 11.18
N LYS A 115 -21.68 -2.81 11.08
CA LYS A 115 -22.05 -3.33 9.78
C LYS A 115 -23.05 -2.47 9.01
N ASP A 116 -24.06 -1.91 9.69
CA ASP A 116 -25.08 -1.13 8.98
C ASP A 116 -24.50 0.16 8.41
N ASP A 117 -23.70 0.85 9.19
CA ASP A 117 -23.01 2.06 8.73
C ASP A 117 -22.07 1.75 7.55
N TYR A 118 -21.37 0.63 7.65
CA TYR A 118 -20.44 0.23 6.60
C TYR A 118 -21.14 -0.02 5.26
N VAL A 119 -22.23 -0.79 5.30
CA VAL A 119 -23.02 -1.08 4.11
C VAL A 119 -23.66 0.18 3.48
N LYS A 120 -24.17 1.09 4.32
CA LYS A 120 -24.65 2.41 3.85
C LYS A 120 -23.54 3.17 3.09
N ALA A 121 -22.32 3.13 3.61
CA ALA A 121 -21.17 3.83 2.98
C ALA A 121 -20.60 3.08 1.78
N LEU A 122 -20.89 1.78 1.67
CA LEU A 122 -20.29 0.93 0.59
C LEU A 122 -20.39 1.48 -0.83
N PRO A 123 -21.60 1.92 -1.28
CA PRO A 123 -21.66 2.34 -2.68
C PRO A 123 -20.68 3.46 -3.02
N GLY A 124 -20.52 4.42 -2.10
CA GLY A 124 -19.60 5.55 -2.31
C GLY A 124 -18.15 5.06 -2.43
N GLN A 125 -17.85 3.95 -1.76
CA GLN A 125 -16.53 3.30 -1.82
C GLN A 125 -16.31 2.45 -3.07
N LEU A 126 -17.41 1.93 -3.63
CA LEU A 126 -17.32 1.08 -4.81
C LEU A 126 -17.30 1.88 -6.10
N LYS A 127 -17.97 3.04 -6.08
CA LYS A 127 -18.06 3.90 -7.28
C LYS A 127 -16.76 4.25 -8.02
N PRO A 128 -15.66 4.61 -7.29
CA PRO A 128 -14.42 4.86 -8.06
C PRO A 128 -14.01 3.73 -9.02
N PHE A 129 -14.22 2.46 -8.64
CA PHE A 129 -13.88 1.32 -9.52
C PHE A 129 -14.78 1.17 -10.76
N GLU A 130 -16.06 1.46 -10.58
CA GLU A 130 -17.02 1.58 -11.70
C GLU A 130 -16.60 2.69 -12.66
N THR A 131 -16.25 3.85 -12.10
CA THR A 131 -15.74 4.98 -12.88
C THR A 131 -14.51 4.58 -13.69
N LEU A 132 -13.53 3.94 -13.04
CA LEU A 132 -12.35 3.46 -13.74
C LEU A 132 -12.73 2.53 -14.91
N LEU A 133 -13.59 1.55 -14.66
CA LEU A 133 -14.13 0.69 -15.71
C LEU A 133 -14.77 1.50 -16.85
N SER A 134 -15.62 2.47 -16.51
CA SER A 134 -16.35 3.26 -17.54
C SER A 134 -15.39 4.00 -18.46
N GLN A 135 -14.18 4.27 -17.98
CA GLN A 135 -13.24 5.08 -18.73
C GLN A 135 -12.23 4.26 -19.52
N ASN A 136 -12.30 2.93 -19.38
CA ASN A 136 -11.41 2.02 -20.09
C ASN A 136 -12.17 1.07 -21.03
N GLN A 137 -12.29 1.48 -22.29
CA GLN A 137 -13.05 0.70 -23.31
C GLN A 137 -14.43 0.27 -22.83
N GLY A 138 -15.18 1.20 -22.25
CA GLY A 138 -16.55 0.93 -21.79
C GLY A 138 -16.69 -0.18 -20.76
N GLY A 139 -15.61 -0.46 -20.03
CA GLY A 139 -15.66 -1.47 -18.98
C GLY A 139 -15.67 -2.92 -19.43
N LYS A 140 -15.36 -3.17 -20.71
CA LYS A 140 -15.48 -4.53 -21.32
C LYS A 140 -14.21 -5.41 -21.26
N THR A 141 -13.10 -4.85 -20.78
CA THR A 141 -11.87 -5.62 -20.66
C THR A 141 -11.36 -5.70 -19.20
N PHE A 142 -10.30 -4.95 -18.87
CA PHE A 142 -9.72 -5.04 -17.54
C PHE A 142 -9.79 -3.70 -16.83
N ILE A 143 -9.27 -3.66 -15.59
CA ILE A 143 -9.37 -2.43 -14.82
C ILE A 143 -8.42 -1.37 -15.39
N VAL A 144 -7.27 -1.80 -15.92
CA VAL A 144 -6.33 -0.92 -16.61
C VAL A 144 -5.86 -1.58 -17.93
N GLY A 145 -6.03 -0.88 -19.05
CA GLY A 145 -5.53 -1.37 -20.35
C GLY A 145 -6.28 -2.58 -20.93
N ASP A 146 -5.67 -3.28 -21.87
CA ASP A 146 -6.39 -4.40 -22.48
C ASP A 146 -5.80 -5.76 -22.10
N GLN A 147 -5.01 -5.77 -21.02
CA GLN A 147 -4.51 -7.04 -20.49
C GLN A 147 -4.69 -7.08 -18.95
N ILE A 148 -4.87 -8.29 -18.43
CA ILE A 148 -5.01 -8.49 -16.98
C ILE A 148 -3.78 -8.00 -16.20
N SER A 149 -4.02 -7.54 -14.98
CA SER A 149 -2.92 -7.07 -14.11
C SER A 149 -3.13 -7.61 -12.71
N PHE A 150 -2.10 -7.55 -11.87
CA PHE A 150 -2.27 -7.99 -10.48
C PHE A 150 -3.45 -7.25 -9.79
N ALA A 151 -3.65 -5.96 -10.13
CA ALA A 151 -4.78 -5.19 -9.58
C ALA A 151 -6.17 -5.80 -9.92
N ASP A 152 -6.31 -6.43 -11.08
CA ASP A 152 -7.58 -7.10 -11.41
C ASP A 152 -7.89 -8.21 -10.39
N TYR A 153 -6.87 -9.01 -10.04
CA TYR A 153 -7.11 -10.13 -9.12
C TYR A 153 -7.43 -9.58 -7.75
N ASN A 154 -6.75 -8.52 -7.33
CA ASN A 154 -7.00 -7.95 -6.02
C ASN A 154 -8.40 -7.31 -5.93
N LEU A 155 -8.74 -6.50 -6.94
CA LEU A 155 -10.10 -5.93 -7.09
C LEU A 155 -11.18 -7.00 -7.15
N LEU A 156 -10.94 -8.06 -7.93
CA LEU A 156 -11.95 -9.15 -8.02
C LEU A 156 -12.23 -9.75 -6.64
N ASP A 157 -11.16 -10.06 -5.92
CA ASP A 157 -11.31 -10.57 -4.54
C ASP A 157 -12.13 -9.61 -3.65
N LEU A 158 -11.78 -8.33 -3.68
CA LEU A 158 -12.49 -7.33 -2.89
C LEU A 158 -14.00 -7.32 -3.22
N LEU A 159 -14.35 -7.38 -4.50
CA LEU A 159 -15.77 -7.43 -4.93
C LEU A 159 -16.45 -8.74 -4.50
N LEU A 160 -15.76 -9.87 -4.61
CA LEU A 160 -16.40 -11.13 -4.19
C LEU A 160 -16.73 -11.13 -2.70
N ILE A 161 -15.78 -10.66 -1.90
CA ILE A 161 -15.98 -10.66 -0.43
C ILE A 161 -17.07 -9.66 -0.01
N HIS A 162 -17.21 -8.56 -0.75
CA HIS A 162 -18.27 -7.59 -0.46
C HIS A 162 -19.68 -8.10 -0.84
N GLU A 163 -19.78 -8.90 -1.90
CA GLU A 163 -21.06 -9.55 -2.24
C GLU A 163 -21.50 -10.55 -1.16
N VAL A 164 -20.54 -11.15 -0.46
CA VAL A 164 -20.85 -12.03 0.67
C VAL A 164 -21.30 -11.18 1.87
N LEU A 165 -20.61 -10.07 2.11
CA LEU A 165 -20.92 -9.19 3.22
C LEU A 165 -22.28 -8.47 3.03
N ALA A 166 -22.51 -8.06 1.79
CA ALA A 166 -23.66 -7.26 1.40
C ALA A 166 -24.22 -7.78 0.07
N PRO A 167 -24.94 -8.91 0.11
CA PRO A 167 -25.54 -9.45 -1.11
C PRO A 167 -26.25 -8.37 -1.96
N GLY A 168 -25.97 -8.38 -3.26
CA GLY A 168 -26.57 -7.42 -4.20
C GLY A 168 -25.89 -6.05 -4.29
N CYS A 169 -24.79 -5.85 -3.60
CA CYS A 169 -24.14 -4.53 -3.58
C CYS A 169 -23.67 -4.08 -4.97
N LEU A 170 -23.38 -5.03 -5.85
CA LEU A 170 -23.00 -4.71 -7.23
C LEU A 170 -24.21 -4.48 -8.16
N ASP A 171 -25.43 -4.62 -7.65
CA ASP A 171 -26.63 -4.36 -8.49
C ASP A 171 -26.61 -2.91 -8.96
N ALA A 172 -26.05 -2.02 -8.13
CA ALA A 172 -25.94 -0.58 -8.46
C ALA A 172 -24.81 -0.26 -9.46
N PHE A 173 -24.00 -1.26 -9.77
CA PHE A 173 -22.78 -1.01 -10.54
C PHE A 173 -22.67 -1.98 -11.71
N PRO A 174 -23.35 -1.65 -12.85
CA PRO A 174 -23.44 -2.64 -13.93
C PRO A 174 -22.08 -3.12 -14.48
N LEU A 175 -21.09 -2.24 -14.55
CA LEU A 175 -19.79 -2.56 -15.12
C LEU A 175 -19.00 -3.47 -14.20
N LEU A 176 -18.99 -3.14 -12.91
CA LEU A 176 -18.35 -3.98 -11.89
C LEU A 176 -19.02 -5.35 -11.85
N SER A 177 -20.33 -5.41 -12.01
CA SER A 177 -21.11 -6.68 -12.01
C SER A 177 -20.69 -7.62 -13.13
N ALA A 178 -20.67 -7.07 -14.35
CA ALA A 178 -20.27 -7.79 -15.55
C ALA A 178 -18.79 -8.22 -15.48
N TYR A 179 -17.95 -7.33 -14.94
CA TYR A 179 -16.52 -7.56 -14.75
C TYR A 179 -16.26 -8.76 -13.85
N VAL A 180 -16.95 -8.82 -12.71
CA VAL A 180 -16.88 -9.98 -11.81
C VAL A 180 -17.27 -11.26 -12.56
N GLY A 181 -18.39 -11.22 -13.28
CA GLY A 181 -18.89 -12.41 -13.99
C GLY A 181 -17.85 -12.85 -15.01
N ARG A 182 -17.31 -11.87 -15.73
CA ARG A 182 -16.34 -12.09 -16.80
C ARG A 182 -15.03 -12.71 -16.31
N LEU A 183 -14.37 -12.06 -15.35
CA LEU A 183 -13.12 -12.61 -14.81
C LEU A 183 -13.31 -13.96 -14.13
N SER A 184 -14.38 -14.10 -13.35
CA SER A 184 -14.71 -15.35 -12.66
C SER A 184 -14.89 -16.53 -13.61
N ALA A 185 -15.11 -16.22 -14.89
CA ALA A 185 -15.40 -17.23 -15.91
C ALA A 185 -14.15 -17.63 -16.70
N ARG A 186 -13.03 -16.93 -16.49
CA ARG A 186 -11.74 -17.38 -17.04
C ARG A 186 -11.53 -18.83 -16.58
N PRO A 187 -11.31 -19.76 -17.54
CA PRO A 187 -11.42 -21.22 -17.21
C PRO A 187 -10.54 -21.69 -16.04
N LYS A 188 -9.27 -21.30 -16.02
CA LYS A 188 -8.39 -21.70 -14.92
C LYS A 188 -8.86 -21.08 -13.57
N LEU A 189 -9.30 -19.82 -13.63
CA LEU A 189 -9.84 -19.13 -12.44
C LEU A 189 -11.15 -19.75 -11.97
N LYS A 190 -12.11 -19.94 -12.87
CA LYS A 190 -13.35 -20.65 -12.57
C LYS A 190 -13.08 -22.00 -11.89
N ALA A 191 -12.14 -22.77 -12.41
CA ALA A 191 -11.85 -24.09 -11.80
C ALA A 191 -11.27 -23.93 -10.39
N PHE A 192 -10.37 -22.96 -10.21
CA PHE A 192 -9.78 -22.73 -8.90
C PHE A 192 -10.84 -22.28 -7.88
N LEU A 193 -11.68 -21.31 -8.26
CA LEU A 193 -12.73 -20.82 -7.36
C LEU A 193 -13.77 -21.86 -6.91
N ALA A 194 -13.98 -22.87 -7.76
CA ALA A 194 -14.89 -23.98 -7.48
C ALA A 194 -14.25 -25.12 -6.69
N SER A 195 -12.93 -25.11 -6.55
CA SER A 195 -12.18 -26.25 -5.98
C SER A 195 -12.20 -26.27 -4.43
N PRO A 196 -12.08 -27.47 -3.82
CA PRO A 196 -12.00 -27.52 -2.35
C PRO A 196 -10.90 -26.64 -1.74
N GLU A 197 -9.76 -26.48 -2.43
CA GLU A 197 -8.67 -25.70 -1.85
C GLU A 197 -9.04 -24.20 -1.63
N TYR A 198 -10.00 -23.73 -2.39
CA TYR A 198 -10.58 -22.40 -2.22
C TYR A 198 -11.88 -22.46 -1.42
N VAL A 199 -12.85 -23.27 -1.88
CA VAL A 199 -14.20 -23.34 -1.26
C VAL A 199 -14.18 -23.70 0.25
N ASN A 200 -13.28 -24.60 0.66
CA ASN A 200 -13.24 -25.07 2.05
C ASN A 200 -12.44 -24.23 3.07
N LEU A 201 -11.90 -23.12 2.62
CA LEU A 201 -11.32 -22.09 3.49
C LEU A 201 -12.34 -21.00 3.84
N PRO A 202 -12.37 -20.55 5.11
CA PRO A 202 -13.25 -19.40 5.44
C PRO A 202 -12.60 -18.13 4.83
N ILE A 203 -13.39 -17.10 4.54
CA ILE A 203 -12.86 -15.80 4.08
C ILE A 203 -11.92 -15.14 5.11
N ASN A 204 -12.37 -15.13 6.36
CA ASN A 204 -11.65 -14.50 7.45
C ASN A 204 -11.29 -15.51 8.55
N GLY A 205 -10.53 -15.04 9.54
CA GLY A 205 -10.05 -15.96 10.59
C GLY A 205 -10.98 -16.12 11.78
N ASN A 206 -11.96 -15.25 11.92
CA ASN A 206 -12.83 -15.21 13.09
C ASN A 206 -14.29 -15.74 12.81
N GLY A 207 -14.50 -16.32 11.64
CA GLY A 207 -15.82 -16.84 11.30
C GLY A 207 -16.89 -15.79 10.97
N LYS A 208 -16.48 -14.53 10.77
CA LYS A 208 -17.42 -13.51 10.29
C LYS A 208 -17.16 -13.22 8.83
N GLN A 209 -18.20 -12.82 8.11
CA GLN A 209 -18.13 -12.53 6.66
C GLN A 209 -19.35 -11.75 6.23
N PRO B 1 8.33 17.18 -16.26
CA PRO B 1 7.63 16.59 -17.39
C PRO B 1 6.28 17.18 -17.83
N PRO B 2 5.76 18.26 -17.17
CA PRO B 2 6.18 18.90 -15.91
C PRO B 2 5.43 18.26 -14.74
N TYR B 3 5.89 18.51 -13.50
CA TYR B 3 5.21 17.94 -12.32
C TYR B 3 4.33 18.97 -11.57
N THR B 4 3.13 18.56 -11.16
CA THR B 4 2.30 19.39 -10.26
C THR B 4 1.79 18.57 -9.07
N VAL B 5 1.96 19.10 -7.86
CA VAL B 5 1.34 18.49 -6.66
C VAL B 5 0.23 19.38 -6.07
N VAL B 6 -0.94 18.77 -5.92
CA VAL B 6 -2.12 19.45 -5.40
C VAL B 6 -2.38 18.91 -4.01
N TYR B 7 -2.35 19.78 -2.98
CA TYR B 7 -2.45 19.31 -1.59
C TYR B 7 -2.73 20.45 -0.60
N PHE B 8 -3.15 20.08 0.61
CA PHE B 8 -3.28 21.02 1.72
C PHE B 8 -1.91 21.66 2.10
N PRO B 9 -1.92 22.85 2.79
CA PRO B 9 -0.62 23.34 3.26
C PRO B 9 -0.15 22.61 4.51
N VAL B 10 0.23 21.34 4.32
CA VAL B 10 0.80 20.49 5.37
C VAL B 10 1.84 19.58 4.70
N ARG B 11 2.72 19.01 5.51
CA ARG B 11 3.71 18.05 4.99
C ARG B 11 2.98 16.74 4.72
N GLY B 12 2.52 16.09 5.79
CA GLY B 12 1.63 14.91 5.70
C GLY B 12 2.15 13.86 4.71
N ARG B 13 1.23 13.36 3.88
CA ARG B 13 1.51 12.38 2.82
C ARG B 13 2.26 12.89 1.59
N CYS B 14 2.52 14.20 1.50
CA CYS B 14 3.31 14.68 0.39
C CYS B 14 4.79 14.89 0.73
N ALA B 15 5.13 14.85 2.01
CA ALA B 15 6.49 15.16 2.45
C ALA B 15 7.55 14.28 1.74
N ALA B 16 7.29 12.97 1.67
CA ALA B 16 8.27 12.04 1.09
C ALA B 16 8.47 12.25 -0.41
N LEU B 17 7.38 12.40 -1.16
CA LEU B 17 7.54 12.62 -2.60
C LEU B 17 8.19 13.97 -2.88
N ARG B 18 7.96 14.98 -2.02
CA ARG B 18 8.61 16.31 -2.22
C ARG B 18 10.13 16.18 -1.99
N MET B 19 10.49 15.44 -0.94
CA MET B 19 11.91 15.19 -0.62
C MET B 19 12.59 14.47 -1.79
N LEU B 20 11.85 13.52 -2.38
CA LEU B 20 12.32 12.76 -3.58
C LEU B 20 12.61 13.72 -4.75
N LEU B 21 11.62 14.51 -5.10
CA LEU B 21 11.73 15.50 -6.19
C LEU B 21 12.90 16.44 -5.98
N ALA B 22 12.98 17.05 -4.80
CA ALA B 22 14.06 17.97 -4.46
C ALA B 22 15.43 17.30 -4.54
N ASP B 23 15.57 16.13 -3.91
CA ASP B 23 16.87 15.45 -3.85
C ASP B 23 17.32 15.01 -5.24
N GLN B 24 16.36 14.75 -6.13
CA GLN B 24 16.62 14.29 -7.49
C GLN B 24 16.74 15.44 -8.46
N GLY B 25 16.77 16.67 -7.93
CA GLY B 25 16.94 17.87 -8.73
C GLY B 25 15.81 18.19 -9.67
N GLN B 26 14.60 17.76 -9.33
CA GLN B 26 13.42 17.98 -10.17
C GLN B 26 12.73 19.28 -9.82
N SER B 27 12.08 19.87 -10.83
CA SER B 27 11.30 21.07 -10.64
C SER B 27 9.83 20.68 -10.53
N TRP B 28 9.07 21.38 -9.69
CA TRP B 28 7.62 21.13 -9.58
C TRP B 28 6.83 22.34 -9.10
N LYS B 29 5.54 22.30 -9.43
CA LYS B 29 4.53 23.28 -9.03
C LYS B 29 3.73 22.76 -7.84
N GLU B 30 3.57 23.61 -6.83
CA GLU B 30 2.66 23.38 -5.74
C GLU B 30 1.36 24.13 -5.99
N GLU B 31 0.25 23.40 -6.01
CA GLU B 31 -1.07 23.99 -5.98
C GLU B 31 -1.67 23.75 -4.63
N VAL B 32 -1.77 24.81 -3.84
CA VAL B 32 -2.16 24.69 -2.42
C VAL B 32 -3.66 24.76 -2.30
N VAL B 33 -4.24 23.77 -1.63
CA VAL B 33 -5.68 23.72 -1.39
C VAL B 33 -6.07 24.08 0.06
N THR B 34 -6.80 25.17 0.23
CA THR B 34 -7.19 25.60 1.58
C THR B 34 -8.40 24.83 2.09
N VAL B 35 -8.52 24.81 3.43
CA VAL B 35 -9.66 24.25 4.16
C VAL B 35 -11.01 24.68 3.55
N GLU B 36 -11.11 25.97 3.21
CA GLU B 36 -12.32 26.57 2.64
C GLU B 36 -12.64 25.98 1.26
N THR B 37 -11.63 25.92 0.40
CA THR B 37 -11.78 25.36 -0.96
C THR B 37 -12.18 23.88 -0.91
N TRP B 38 -11.57 23.13 0.02
CA TRP B 38 -11.86 21.71 0.15
C TRP B 38 -13.29 21.50 0.63
N GLN B 39 -13.71 22.31 1.61
CA GLN B 39 -15.06 22.21 2.18
C GLN B 39 -16.15 22.56 1.17
N GLU B 40 -15.80 23.32 0.12
CA GLU B 40 -16.74 23.69 -0.96
C GLU B 40 -17.26 22.46 -1.71
N GLY B 41 -16.41 21.46 -1.92
CA GLY B 41 -16.88 20.16 -2.39
C GLY B 41 -16.52 19.73 -3.80
N SER B 42 -16.33 20.69 -4.70
CA SER B 42 -16.17 20.35 -6.12
C SER B 42 -14.82 19.67 -6.44
N LEU B 43 -13.73 20.17 -5.86
CA LEU B 43 -12.42 19.53 -6.03
C LEU B 43 -12.50 18.09 -5.55
N LYS B 44 -12.95 17.91 -4.30
CA LYS B 44 -13.08 16.61 -3.67
C LYS B 44 -13.89 15.61 -4.48
N ALA B 45 -15.02 16.07 -5.05
CA ALA B 45 -15.87 15.21 -5.88
C ALA B 45 -15.15 14.76 -7.15
N SER B 46 -14.23 15.60 -7.63
CA SER B 46 -13.49 15.33 -8.84
C SER B 46 -12.28 14.40 -8.61
N CYS B 47 -11.93 14.17 -7.35
CA CYS B 47 -10.77 13.33 -7.01
C CYS B 47 -11.20 11.87 -7.02
N LEU B 48 -10.37 10.99 -7.60
CA LEU B 48 -10.76 9.61 -7.84
C LEU B 48 -11.31 8.94 -6.57
N TYR B 49 -10.59 9.08 -5.45
CA TYR B 49 -11.05 8.53 -4.16
C TYR B 49 -11.42 9.63 -3.16
N GLY B 50 -11.75 10.83 -3.68
CA GLY B 50 -12.15 11.94 -2.85
C GLY B 50 -11.07 12.37 -1.87
N GLN B 51 -9.81 12.18 -2.27
CA GLN B 51 -8.62 12.48 -1.43
C GLN B 51 -7.52 13.19 -2.24
N LEU B 52 -6.76 14.05 -1.54
CA LEU B 52 -5.46 14.55 -2.00
C LEU B 52 -4.34 13.76 -1.29
N PRO B 53 -3.11 13.70 -1.85
CA PRO B 53 -2.62 14.44 -3.04
C PRO B 53 -3.24 13.98 -4.36
N LYS B 54 -3.34 14.94 -5.27
CA LYS B 54 -3.55 14.72 -6.69
C LYS B 54 -2.21 15.13 -7.32
N PHE B 55 -1.79 14.42 -8.35
CA PHE B 55 -0.47 14.64 -8.96
C PHE B 55 -0.68 14.65 -10.46
N GLN B 56 0.03 15.56 -11.13
CA GLN B 56 0.02 15.61 -12.59
C GLN B 56 1.44 15.54 -13.13
N ASP B 57 1.61 14.66 -14.10
CA ASP B 57 2.89 14.50 -14.78
C ASP B 57 2.55 14.58 -16.24
N GLY B 58 2.69 15.78 -16.79
CA GLY B 58 2.20 16.07 -18.13
C GLY B 58 0.72 15.81 -18.18
N ASP B 59 0.33 14.92 -19.07
CA ASP B 59 -1.04 14.51 -19.31
C ASP B 59 -1.59 13.50 -18.30
N LEU B 60 -0.68 12.84 -17.58
CA LEU B 60 -1.04 11.78 -16.62
C LEU B 60 -1.45 12.41 -15.31
N THR B 61 -2.64 12.03 -14.83
CA THR B 61 -3.13 12.44 -13.52
C THR B 61 -3.16 11.23 -12.59
N LEU B 62 -2.53 11.35 -11.41
CA LEU B 62 -2.48 10.27 -10.43
C LEU B 62 -3.06 10.71 -9.09
N TYR B 63 -3.59 9.74 -8.34
CA TYR B 63 -4.00 9.96 -6.96
C TYR B 63 -3.30 8.87 -6.11
N GLN B 64 -3.18 9.10 -4.80
CA GLN B 64 -2.64 8.14 -3.80
C GLN B 64 -1.13 8.34 -3.64
N SER B 65 -0.71 8.70 -2.43
CA SER B 65 0.70 9.08 -2.21
C SER B 65 1.69 7.96 -2.62
N ASN B 66 1.36 6.71 -2.32
CA ASN B 66 2.28 5.60 -2.74
C ASN B 66 2.31 5.33 -4.23
N THR B 67 1.19 5.59 -4.91
CA THR B 67 1.18 5.55 -6.40
C THR B 67 2.13 6.61 -6.97
N ILE B 68 2.07 7.83 -6.41
CA ILE B 68 2.97 8.90 -6.86
C ILE B 68 4.46 8.53 -6.59
N LEU B 69 4.74 8.03 -5.39
CA LEU B 69 6.11 7.55 -5.07
C LEU B 69 6.59 6.47 -6.04
N ARG B 70 5.76 5.45 -6.32
CA ARG B 70 6.19 4.37 -7.23
C ARG B 70 6.39 4.88 -8.67
N HIS B 71 5.56 5.84 -9.06
CA HIS B 71 5.63 6.37 -10.39
C HIS B 71 6.95 7.13 -10.55
N LEU B 72 7.24 7.98 -9.58
CA LEU B 72 8.51 8.74 -9.57
C LEU B 72 9.66 7.76 -9.47
N GLY B 73 9.50 6.73 -8.63
CA GLY B 73 10.56 5.69 -8.51
C GLY B 73 10.83 4.96 -9.82
N ARG B 74 9.78 4.55 -10.51
CA ARG B 74 9.87 3.82 -11.77
C ARG B 74 10.55 4.67 -12.88
N THR B 75 10.06 5.90 -13.04
CA THR B 75 10.48 6.74 -14.18
C THR B 75 11.85 7.42 -13.99
N LEU B 76 12.26 7.58 -12.73
CA LEU B 76 13.53 8.20 -12.38
C LEU B 76 14.64 7.21 -11.99
N GLY B 77 14.31 5.92 -12.01
CA GLY B 77 15.28 4.87 -11.71
C GLY B 77 15.60 4.75 -10.23
N LEU B 78 14.58 4.92 -9.38
CA LEU B 78 14.71 4.76 -7.92
C LEU B 78 13.87 3.58 -7.40
N TYR B 79 14.07 2.41 -7.99
CA TYR B 79 13.17 1.30 -7.70
C TYR B 79 13.98 0.00 -7.75
N GLY B 80 15.22 0.07 -7.29
CA GLY B 80 16.13 -1.10 -7.26
C GLY B 80 16.81 -1.39 -8.61
N LYS B 81 17.81 -2.25 -8.58
CA LYS B 81 18.60 -2.59 -9.78
C LYS B 81 18.00 -3.74 -10.58
N ASP B 82 17.09 -4.49 -9.97
CA ASP B 82 16.51 -5.69 -10.62
C ASP B 82 15.23 -6.07 -9.90
N GLN B 83 14.57 -7.13 -10.37
CA GLN B 83 13.29 -7.56 -9.77
C GLN B 83 13.40 -7.92 -8.28
N GLN B 84 14.49 -8.59 -7.89
CA GLN B 84 14.65 -8.91 -6.46
C GLN B 84 14.67 -7.65 -5.61
N GLU B 85 15.45 -6.65 -6.04
CA GLU B 85 15.50 -5.39 -5.30
C GLU B 85 14.18 -4.65 -5.36
N ALA B 86 13.53 -4.64 -6.54
CA ALA B 86 12.21 -3.99 -6.65
C ALA B 86 11.21 -4.54 -5.61
N ALA B 87 11.15 -5.88 -5.49
CA ALA B 87 10.34 -6.53 -4.45
C ALA B 87 10.66 -6.14 -3.00
N LEU B 88 11.95 -6.08 -2.67
CA LEU B 88 12.37 -5.66 -1.33
C LEU B 88 12.02 -4.18 -1.09
N VAL B 89 12.18 -3.36 -2.13
CA VAL B 89 11.77 -1.94 -2.07
C VAL B 89 10.28 -1.83 -1.68
N ASP B 90 9.45 -2.66 -2.33
CA ASP B 90 8.01 -2.66 -2.05
C ASP B 90 7.74 -3.11 -0.62
N MET B 91 8.46 -4.16 -0.20
CA MET B 91 8.31 -4.69 1.15
C MET B 91 8.62 -3.60 2.21
N VAL B 92 9.70 -2.84 1.99
CA VAL B 92 10.01 -1.72 2.88
C VAL B 92 8.88 -0.65 2.85
N ASN B 93 8.47 -0.26 1.64
CA ASN B 93 7.47 0.77 1.51
C ASN B 93 6.12 0.39 2.13
N ASP B 94 5.69 -0.88 1.93
CA ASP B 94 4.44 -1.36 2.57
C ASP B 94 4.53 -1.33 4.09
N GLY B 95 5.70 -1.73 4.63
CA GLY B 95 5.94 -1.60 6.06
C GLY B 95 5.89 -0.14 6.56
N VAL B 96 6.51 0.78 5.80
CA VAL B 96 6.43 2.23 6.12
C VAL B 96 4.96 2.71 6.14
N GLU B 97 4.20 2.29 5.12
CA GLU B 97 2.79 2.67 4.99
C GLU B 97 1.98 2.19 6.20
N ASP B 98 2.24 0.97 6.64
CA ASP B 98 1.50 0.41 7.78
C ASP B 98 1.68 1.21 9.08
N LEU B 99 2.92 1.58 9.35
CA LEU B 99 3.24 2.37 10.52
C LEU B 99 2.74 3.81 10.31
N ARG B 100 2.84 4.32 9.09
CA ARG B 100 2.23 5.64 8.78
C ARG B 100 0.72 5.65 9.10
N CYS B 101 0.01 4.62 8.65
CA CYS B 101 -1.41 4.50 8.99
C CYS B 101 -1.66 4.58 10.49
N LYS B 102 -0.86 3.86 11.29
CA LYS B 102 -1.03 3.90 12.75
C LYS B 102 -0.76 5.31 13.30
N TYR B 103 0.27 5.95 12.79
CA TYR B 103 0.66 7.31 13.20
C TYR B 103 -0.49 8.27 12.94
N ILE B 104 -1.06 8.17 11.73
CA ILE B 104 -2.17 9.04 11.30
C ILE B 104 -3.41 8.78 12.20
N SER B 105 -3.71 7.52 12.47
CA SER B 105 -4.83 7.21 13.36
C SER B 105 -4.64 7.86 14.74
N LEU B 106 -3.43 7.73 15.29
CA LEU B 106 -3.09 8.39 16.55
C LEU B 106 -3.31 9.91 16.51
N ILE B 107 -2.66 10.57 15.56
CA ILE B 107 -2.72 12.02 15.41
C ILE B 107 -4.14 12.56 15.31
N TYR B 108 -4.95 11.96 14.44
CA TYR B 108 -6.26 12.51 14.10
C TYR B 108 -7.44 11.97 14.92
N THR B 109 -7.22 10.84 15.58
CA THR B 109 -8.29 10.03 16.11
C THR B 109 -8.21 9.78 17.63
N ASN B 110 -7.01 9.85 18.20
CA ASN B 110 -6.82 9.33 19.54
C ASN B 110 -5.56 9.83 20.22
N TYR B 111 -5.21 11.10 19.99
CA TYR B 111 -3.91 11.55 20.40
C TYR B 111 -3.74 11.52 21.90
N GLU B 112 -4.73 12.05 22.62
CA GLU B 112 -4.58 12.25 24.07
C GLU B 112 -4.61 10.94 24.84
N ALA B 113 -5.67 10.14 24.64
CA ALA B 113 -5.80 8.84 25.28
C ALA B 113 -4.75 7.81 24.79
N GLY B 114 -4.41 7.88 23.51
CA GLY B 114 -3.56 6.88 22.86
C GLY B 114 -2.04 7.00 22.81
N LYS B 115 -1.49 8.19 23.06
CA LYS B 115 -0.05 8.44 22.83
C LYS B 115 0.93 7.58 23.66
N ASP B 116 0.58 7.33 24.93
CA ASP B 116 1.45 6.57 25.82
C ASP B 116 1.63 5.11 25.34
N ASP B 117 0.51 4.48 24.99
CA ASP B 117 0.58 3.13 24.43
C ASP B 117 1.31 3.16 23.10
N TYR B 118 1.05 4.16 22.26
CA TYR B 118 1.72 4.25 20.95
C TYR B 118 3.24 4.30 21.09
N VAL B 119 3.72 5.19 21.97
CA VAL B 119 5.17 5.38 22.17
C VAL B 119 5.81 4.15 22.82
N LYS B 120 5.10 3.50 23.76
CA LYS B 120 5.56 2.24 24.35
C LYS B 120 5.75 1.13 23.30
N ALA B 121 4.83 1.06 22.32
CA ALA B 121 4.89 0.04 21.27
C ALA B 121 5.88 0.41 20.13
N LEU B 122 6.28 1.67 20.08
CA LEU B 122 7.16 2.18 18.99
C LEU B 122 8.46 1.38 18.72
N PRO B 123 9.26 1.06 19.79
CA PRO B 123 10.50 0.32 19.45
C PRO B 123 10.28 -0.95 18.62
N GLY B 124 9.24 -1.73 18.98
CA GLY B 124 8.90 -2.94 18.23
C GLY B 124 8.46 -2.65 16.78
N GLN B 125 7.98 -1.44 16.52
CA GLN B 125 7.59 -1.01 15.16
C GLN B 125 8.80 -0.55 14.34
N LEU B 126 9.83 -0.06 15.03
CA LEU B 126 11.02 0.45 14.35
C LEU B 126 12.06 -0.63 14.10
N LYS B 127 12.12 -1.62 14.99
CA LYS B 127 13.12 -2.70 14.88
C LYS B 127 13.27 -3.37 13.48
N PRO B 128 12.15 -3.62 12.75
CA PRO B 128 12.27 -4.22 11.40
C PRO B 128 13.12 -3.39 10.44
N PHE B 129 13.02 -2.06 10.50
CA PHE B 129 13.84 -1.22 9.62
C PHE B 129 15.33 -1.25 9.97
N GLU B 130 15.61 -1.28 11.27
CA GLU B 130 16.98 -1.50 11.79
C GLU B 130 17.51 -2.85 11.29
N THR B 131 16.71 -3.89 11.44
CA THR B 131 17.07 -5.22 10.91
C THR B 131 17.40 -5.20 9.41
N LEU B 132 16.56 -4.56 8.59
CA LEU B 132 16.75 -4.50 7.13
C LEU B 132 18.06 -3.82 6.80
N LEU B 133 18.31 -2.69 7.47
CA LEU B 133 19.60 -2.00 7.38
C LEU B 133 20.79 -2.90 7.77
N SER B 134 20.64 -3.62 8.87
CA SER B 134 21.67 -4.58 9.31
C SER B 134 22.03 -5.66 8.25
N GLN B 135 21.08 -5.98 7.38
CA GLN B 135 21.24 -7.03 6.38
C GLN B 135 21.72 -6.50 5.03
N ASN B 136 21.92 -5.20 4.94
CA ASN B 136 22.31 -4.58 3.68
C ASN B 136 23.56 -3.75 3.85
N GLN B 137 24.69 -4.38 3.52
CA GLN B 137 26.02 -3.78 3.62
C GLN B 137 26.22 -3.06 4.94
N GLY B 138 25.82 -3.71 6.02
CA GLY B 138 26.04 -3.17 7.37
C GLY B 138 25.31 -1.88 7.66
N GLY B 139 24.28 -1.59 6.86
CA GLY B 139 23.49 -0.37 7.03
C GLY B 139 24.20 0.88 6.57
N LYS B 140 25.28 0.71 5.79
CA LYS B 140 26.13 1.84 5.37
C LYS B 140 25.61 2.60 4.17
N THR B 141 24.65 2.01 3.45
CA THR B 141 24.15 2.59 2.20
C THR B 141 22.65 3.01 2.24
N PHE B 142 21.80 2.19 1.67
CA PHE B 142 20.37 2.53 1.52
C PHE B 142 19.53 1.44 2.15
N ILE B 143 18.21 1.61 2.20
CA ILE B 143 17.39 0.55 2.83
C ILE B 143 17.42 -0.75 2.00
N VAL B 144 17.53 -0.61 0.66
CA VAL B 144 17.67 -1.76 -0.26
C VAL B 144 18.75 -1.44 -1.30
N GLY B 145 19.72 -2.34 -1.39
CA GLY B 145 20.76 -2.25 -2.40
C GLY B 145 21.69 -1.09 -2.16
N ASP B 146 22.41 -0.68 -3.20
CA ASP B 146 23.38 0.38 -2.96
C ASP B 146 23.07 1.65 -3.72
N GLN B 147 21.82 1.77 -4.19
CA GLN B 147 21.32 3.04 -4.74
C GLN B 147 20.02 3.44 -4.03
N ILE B 148 19.76 4.74 -3.98
CA ILE B 148 18.56 5.25 -3.30
C ILE B 148 17.28 4.78 -4.04
N SER B 149 16.22 4.56 -3.28
CA SER B 149 14.92 4.19 -3.87
C SER B 149 13.81 5.09 -3.31
N PHE B 150 12.61 5.01 -3.90
CA PHE B 150 11.49 5.82 -3.34
C PHE B 150 11.18 5.46 -1.87
N ALA B 151 11.41 4.20 -1.49
CA ALA B 151 11.22 3.74 -0.13
C ALA B 151 12.13 4.42 0.86
N ASP B 152 13.34 4.81 0.43
CA ASP B 152 14.24 5.53 1.33
C ASP B 152 13.63 6.89 1.72
N TYR B 153 13.08 7.60 0.74
CA TYR B 153 12.47 8.89 1.05
C TYR B 153 11.27 8.75 1.99
N ASN B 154 10.43 7.73 1.75
CA ASN B 154 9.28 7.45 2.59
C ASN B 154 9.70 7.02 4.00
N LEU B 155 10.66 6.11 4.12
CA LEU B 155 11.14 5.72 5.44
C LEU B 155 11.79 6.92 6.19
N LEU B 156 12.59 7.71 5.48
CA LEU B 156 13.21 8.87 6.10
C LEU B 156 12.14 9.80 6.70
N ASP B 157 11.12 10.15 5.93
CA ASP B 157 10.02 10.95 6.47
C ASP B 157 9.40 10.35 7.74
N LEU B 158 9.13 9.04 7.69
CA LEU B 158 8.51 8.31 8.80
C LEU B 158 9.38 8.47 10.03
N LEU B 159 10.67 8.30 9.84
CA LEU B 159 11.64 8.45 10.94
C LEU B 159 11.71 9.89 11.49
N LEU B 160 11.77 10.88 10.60
CA LEU B 160 11.79 12.28 11.03
C LEU B 160 10.55 12.70 11.85
N ILE B 161 9.35 12.30 11.41
CA ILE B 161 8.11 12.69 12.13
C ILE B 161 7.97 11.95 13.47
N HIS B 162 8.54 10.75 13.53
CA HIS B 162 8.54 9.98 14.75
C HIS B 162 9.53 10.54 15.79
N GLU B 163 10.61 11.17 15.33
CA GLU B 163 11.53 11.85 16.27
C GLU B 163 10.85 13.08 16.85
N VAL B 164 10.01 13.75 16.07
CA VAL B 164 9.17 14.82 16.60
C VAL B 164 8.17 14.29 17.64
N LEU B 165 7.49 13.18 17.32
CA LEU B 165 6.49 12.59 18.25
C LEU B 165 7.09 12.05 19.55
N ALA B 166 8.23 11.36 19.43
CA ALA B 166 8.84 10.62 20.53
C ALA B 166 10.32 10.90 20.51
N PRO B 167 10.74 12.11 20.96
CA PRO B 167 12.18 12.43 20.92
C PRO B 167 13.03 11.34 21.56
N GLY B 168 14.14 11.00 20.91
CA GLY B 168 15.03 9.92 21.37
C GLY B 168 14.62 8.53 20.90
N CYS B 169 13.59 8.45 20.06
CA CYS B 169 13.08 7.13 19.70
C CYS B 169 14.07 6.30 18.82
N LEU B 170 15.04 6.97 18.20
CA LEU B 170 16.08 6.28 17.43
C LEU B 170 17.39 5.99 18.19
N ASP B 171 17.47 6.42 19.44
CA ASP B 171 18.74 6.34 20.18
C ASP B 171 19.22 4.89 20.38
N ALA B 172 18.29 3.95 20.57
CA ALA B 172 18.65 2.51 20.68
C ALA B 172 18.94 1.86 19.33
N PHE B 173 18.80 2.61 18.24
CA PHE B 173 18.90 2.04 16.89
C PHE B 173 20.06 2.68 16.08
N PRO B 174 21.30 2.17 16.24
CA PRO B 174 22.45 2.89 15.65
C PRO B 174 22.41 3.03 14.13
N LEU B 175 21.95 2.00 13.40
CA LEU B 175 21.89 2.07 11.95
C LEU B 175 20.86 3.09 11.47
N LEU B 176 19.66 3.03 12.04
CA LEU B 176 18.61 4.02 11.72
C LEU B 176 19.08 5.44 12.04
N SER B 177 19.69 5.64 13.21
CA SER B 177 20.23 6.96 13.62
C SER B 177 21.19 7.51 12.57
N ALA B 178 22.16 6.67 12.19
CA ALA B 178 23.16 7.06 11.17
C ALA B 178 22.59 7.25 9.78
N TYR B 179 21.62 6.42 9.40
CA TYR B 179 20.93 6.53 8.11
C TYR B 179 20.21 7.87 7.99
N VAL B 180 19.45 8.26 9.01
CA VAL B 180 18.75 9.57 9.04
C VAL B 180 19.75 10.71 8.87
N GLY B 181 20.87 10.66 9.62
CA GLY B 181 21.88 11.72 9.55
C GLY B 181 22.49 11.81 8.17
N ARG B 182 22.74 10.65 7.59
CA ARG B 182 23.44 10.52 6.30
C ARG B 182 22.57 10.97 5.12
N LEU B 183 21.33 10.46 5.07
CA LEU B 183 20.42 10.88 4.00
C LEU B 183 20.10 12.39 4.10
N SER B 184 19.87 12.85 5.32
CA SER B 184 19.50 14.24 5.60
C SER B 184 20.59 15.23 5.18
N ALA B 185 21.81 14.72 5.09
CA ALA B 185 23.00 15.48 4.71
C ALA B 185 23.25 15.52 3.21
N ARG B 186 22.54 14.71 2.40
CA ARG B 186 22.63 14.80 0.94
C ARG B 186 22.31 16.26 0.53
N PRO B 187 23.22 16.90 -0.24
CA PRO B 187 23.17 18.39 -0.37
C PRO B 187 21.83 18.96 -0.83
N LYS B 188 21.20 18.41 -1.86
CA LYS B 188 19.88 18.90 -2.28
C LYS B 188 18.77 18.69 -1.25
N LEU B 189 18.81 17.53 -0.59
CA LEU B 189 17.84 17.20 0.48
C LEU B 189 18.02 18.13 1.69
N LYS B 190 19.27 18.29 2.12
CA LYS B 190 19.65 19.17 3.23
C LYS B 190 19.08 20.56 2.97
N ALA B 191 19.34 21.07 1.77
CA ALA B 191 18.81 22.37 1.32
C ALA B 191 17.28 22.46 1.37
N PHE B 192 16.60 21.40 0.90
CA PHE B 192 15.16 21.40 0.93
C PHE B 192 14.62 21.31 2.36
N LEU B 193 15.22 20.46 3.20
CA LEU B 193 14.78 20.29 4.57
C LEU B 193 14.95 21.57 5.39
N ALA B 194 15.91 22.42 5.00
CA ALA B 194 16.16 23.68 5.72
C ALA B 194 15.30 24.83 5.17
N SER B 195 14.65 24.60 4.03
CA SER B 195 13.91 25.70 3.34
C SER B 195 12.58 26.02 4.04
N PRO B 196 12.09 27.29 3.90
CA PRO B 196 10.80 27.66 4.52
C PRO B 196 9.64 26.79 4.01
N GLU B 197 9.68 26.39 2.75
CA GLU B 197 8.58 25.61 2.19
C GLU B 197 8.38 24.24 2.87
N TYR B 198 9.40 23.73 3.54
CA TYR B 198 9.30 22.54 4.38
C TYR B 198 9.12 22.98 5.83
N VAL B 199 10.05 23.81 6.32
CA VAL B 199 10.09 24.13 7.74
C VAL B 199 8.80 24.83 8.24
N ASN B 200 8.20 25.66 7.40
CA ASN B 200 7.09 26.51 7.84
C ASN B 200 5.74 25.91 7.57
N LEU B 201 5.75 24.63 7.20
CA LEU B 201 4.51 23.88 7.02
C LEU B 201 4.36 22.94 8.23
N PRO B 202 3.14 22.83 8.81
CA PRO B 202 3.00 21.86 9.89
C PRO B 202 3.04 20.41 9.34
N ILE B 203 3.45 19.48 10.18
CA ILE B 203 3.49 18.06 9.80
C ILE B 203 2.10 17.55 9.41
N ASN B 204 1.10 17.84 10.26
CA ASN B 204 -0.27 17.38 10.13
C ASN B 204 -1.28 18.54 10.05
N GLY B 205 -2.53 18.22 9.75
CA GLY B 205 -3.55 19.24 9.54
C GLY B 205 -4.29 19.71 10.78
N ASN B 206 -4.07 19.05 11.92
CA ASN B 206 -4.84 19.35 13.15
C ASN B 206 -3.98 19.98 14.28
N GLY B 207 -2.76 20.38 13.95
CA GLY B 207 -1.85 21.04 14.89
C GLY B 207 -1.20 20.12 15.91
N LYS B 208 -1.37 18.80 15.76
CA LYS B 208 -0.70 17.84 16.64
C LYS B 208 0.45 17.16 15.91
N GLN B 209 1.45 16.72 16.68
CA GLN B 209 2.69 16.13 16.17
C GLN B 209 3.43 15.42 17.30
CL CL C . -7.09 -10.83 5.71
O1 MES D . -1.23 -26.20 -3.17
C2 MES D . -1.88 -27.34 -3.76
C3 MES D . -3.02 -26.96 -4.70
N4 MES D . -2.54 -25.99 -5.69
C5 MES D . -1.48 -25.04 -5.35
C6 MES D . -1.46 -24.95 -3.83
C7 MES D . -3.03 -26.10 -7.05
C8 MES D . -3.85 -24.89 -7.50
S MES D . -4.27 -25.06 -9.12
O1S MES D . -4.06 -23.80 -9.83
O2S MES D . -3.50 -26.13 -9.76
O3S MES D . -5.72 -25.36 -9.19
O1 MES E . 7.42 25.01 -5.63
C2 MES E . 8.34 26.07 -5.46
C3 MES E . 9.40 25.76 -4.43
N4 MES E . 10.09 24.54 -4.84
C5 MES E . 9.36 23.49 -5.55
C6 MES E . 7.90 23.72 -5.20
C7 MES E . 11.53 24.48 -4.54
C8 MES E . 12.04 23.04 -4.52
S MES E . 13.70 22.95 -4.33
O1S MES E . 14.19 21.86 -5.20
O2S MES E . 14.44 24.16 -4.68
O3S MES E . 14.03 22.66 -2.92
C1 CBL F . -6.19 18.47 6.67
C2 CBL F . -4.81 18.34 6.50
C3 CBL F . -4.25 17.12 6.10
C4 CBL F . -5.08 16.03 5.88
C5 CBL F . -6.46 16.15 6.05
C6 CBL F . -7.01 17.36 6.44
C7 CBL F . -4.49 14.71 5.44
C8 CBL F . -4.10 13.80 6.59
C9 CBL F . -3.41 12.49 6.16
C10 CBL F . -2.07 12.80 5.52
N11 CBL F . -6.73 19.71 7.09
C12 CBL F . -8.15 19.82 7.45
C13 CBL F . -8.20 19.89 8.98
CL14 CBL F . -7.54 18.39 9.70
C15 CBL F . -5.88 20.89 7.19
C16 CBL F . -6.10 21.73 5.94
CL17 CBL F . -4.88 23.03 6.01
O18 CBL F . -2.09 13.11 4.31
O19 CBL F . -1.02 12.73 6.20
#